data_7U3Q
#
_entry.id   7U3Q
#
_cell.length_a   205.696
_cell.length_b   205.696
_cell.length_c   197.198
_cell.angle_alpha   90.000
_cell.angle_beta   90.000
_cell.angle_gamma   120.000
#
_symmetry.space_group_name_H-M   'H 3'
#
loop_
_entity.id
_entity.type
_entity.pdbx_description
1 polymer "DNA (5'-D(P*CP*CP*GP*T)-3')"
2 polymer 'DNA (29-MER)'
3 polymer 'DNA (42-MER)'
4 polymer "DNA (5'-D(P*GP*GP*CP*TP*GP*C)-3')"
5 polymer "DNA (5'-D(P*AP*CP*A)-3')"
#
loop_
_entity_poly.entity_id
_entity_poly.type
_entity_poly.pdbx_seq_one_letter_code
_entity_poly.pdbx_strand_id
1 'polydeoxyribonucleotide' (DC)(DC)(DG)(DT) B
2 'polydeoxyribonucleotide'
;(DT)(DC)(DC)(DT)(DC)(DT)(DG)(DC)(DT)(DA)(DC)(DT)(DA)(DC)(DG)(DT)(DC)(DA)(DG)(DC)
(DA)(DT)(DC)(DT)(DG)(DA)(DT)(DG)(DT)
;
C
3 'polydeoxyribonucleotide'
;(DG)(DA)(DG)(DC)(DA)(DG)(DC)(DC)(DT)(DG)(DT)(DA)(DC)(DG)(DG)(DA)(DC)(DA)(DT)(DC)
(DA)(DG)(DA)(DT)(DG)(DC)(DT)(DG)(DA)(DC)(DG)(DT)(DA)(DG)(DT)(DA)(DG)(DC)(DA)(DG)
(DA)(DG)
;
A
4 'polydeoxyribonucleotide' (DG)(DG)(DC)(DT)(DG)(DC) D
5 'polydeoxyribonucleotide' (DA)(DC)(DA) E
#
loop_
_chem_comp.id
_chem_comp.type
_chem_comp.name
_chem_comp.formula
DA DNA linking 2'-DEOXYADENOSINE-5'-MONOPHOSPHATE 'C10 H14 N5 O6 P'
DC DNA linking 2'-DEOXYCYTIDINE-5'-MONOPHOSPHATE 'C9 H14 N3 O7 P'
DG DNA linking 2'-DEOXYGUANOSINE-5'-MONOPHOSPHATE 'C10 H14 N5 O7 P'
DT DNA linking THYMIDINE-5'-MONOPHOSPHATE 'C10 H15 N2 O8 P'
#